data_3WTF
#
_entry.id   3WTF
#
_cell.length_a   89.576
_cell.length_b   89.576
_cell.length_c   151.404
_cell.angle_alpha   90.00
_cell.angle_beta   90.00
_cell.angle_gamma   120.00
#
_symmetry.space_group_name_H-M   'P 65 2 2'
#
loop_
_entity.id
_entity.type
_entity.pdbx_description
1 polymer 'Uncharacterized protein C9orf142'
2 water water
#
_entity_poly.entity_id   1
_entity_poly.type   'polypeptide(L)'
_entity_poly.pdbx_seq_one_letter_code
;GSMDPLSPPLCTLPPGPEPPRFVCYCEGEESGEGDRGGFNLYVTDAAELWSTCFTPDSLAALKARFGLSAAEDITPRFRA
ACEQQAVALTLQEDRASLTLSGGPSALAFDLSKVPGPEAAPRLRALTLGLAKRVWSLERRLAAAEETAVSPRKSPRPAGP
QLFLPDPDPQRGGPGPGVRRRCPGESLINPGFKSKKPAGGVDFDET
;
_entity_poly.pdbx_strand_id   A,B
#
# COMPACT_ATOMS: atom_id res chain seq x y z
N SER A 7 15.87 0.26 -2.23
CA SER A 7 14.55 0.56 -1.68
C SER A 7 14.01 1.87 -2.28
N PRO A 8 13.03 1.75 -3.20
CA PRO A 8 12.42 2.84 -3.99
C PRO A 8 11.88 3.94 -3.11
N PRO A 9 12.43 5.17 -3.22
CA PRO A 9 12.00 6.24 -2.32
C PRO A 9 10.58 6.69 -2.60
N LEU A 10 9.93 7.12 -1.53
CA LEU A 10 8.60 7.70 -1.60
C LEU A 10 8.33 8.55 -0.37
N CYS A 11 7.28 9.37 -0.40
CA CYS A 11 6.82 10.02 0.82
C CYS A 11 5.33 10.31 0.72
N THR A 12 4.76 10.73 1.83
CA THR A 12 3.33 11.02 1.87
C THR A 12 3.02 12.40 2.31
N LEU A 13 1.86 12.86 1.86
CA LEU A 13 1.39 14.18 2.24
C LEU A 13 -0.08 14.08 2.66
N PRO A 14 -0.48 14.90 3.66
CA PRO A 14 0.44 15.84 4.36
C PRO A 14 1.44 15.08 5.26
N PRO A 15 2.59 15.70 5.60
CA PRO A 15 3.55 14.94 6.40
C PRO A 15 3.12 14.87 7.84
N GLY A 16 1.96 15.46 8.15
CA GLY A 16 1.46 15.50 9.51
C GLY A 16 0.95 14.21 10.09
N PRO A 17 0.36 14.31 11.28
CA PRO A 17 -0.32 13.16 11.85
C PRO A 17 -1.68 13.04 11.21
N GLU A 18 -2.07 14.08 10.49
CA GLU A 18 -3.31 14.03 9.73
C GLU A 18 -3.17 12.88 8.76
N PRO A 19 -4.30 12.33 8.28
CA PRO A 19 -4.25 11.22 7.33
C PRO A 19 -3.48 11.60 6.05
N PRO A 20 -2.67 10.69 5.48
CA PRO A 20 -1.97 11.04 4.23
C PRO A 20 -3.03 11.13 3.13
N ARG A 21 -2.97 12.19 2.34
CA ARG A 21 -3.89 12.36 1.22
C ARG A 21 -3.25 12.20 -0.15
N PHE A 22 -1.92 12.12 -0.18
CA PHE A 22 -1.17 11.90 -1.40
C PHE A 22 0.10 11.13 -1.16
N VAL A 23 0.48 10.35 -2.16
CA VAL A 23 1.78 9.69 -2.17
C VAL A 23 2.65 10.12 -3.33
N CYS A 24 3.91 10.41 -3.06
CA CYS A 24 4.87 10.75 -4.10
C CYS A 24 6.01 9.76 -4.15
N TYR A 25 6.36 9.30 -5.34
CA TYR A 25 7.41 8.30 -5.43
C TYR A 25 8.06 8.46 -6.78
N CYS A 26 9.12 7.72 -7.02
CA CYS A 26 9.82 7.78 -8.27
C CYS A 26 10.20 6.40 -8.78
N GLU A 27 10.73 6.31 -9.99
CA GLU A 27 11.08 5.02 -10.57
C GLU A 27 12.49 4.91 -11.12
N GLY A 28 12.68 4.01 -12.07
CA GLY A 28 14.02 3.69 -12.54
C GLY A 28 14.67 4.89 -13.19
N GLU A 29 15.98 5.00 -13.03
CA GLU A 29 16.70 6.13 -13.59
C GLU A 29 17.11 5.88 -15.03
N GLY A 38 13.31 3.66 -17.57
CA GLY A 38 12.33 4.73 -17.67
C GLY A 38 12.11 5.42 -16.33
N PHE A 39 12.72 6.61 -16.18
CA PHE A 39 12.68 7.37 -14.92
C PHE A 39 11.59 8.42 -14.84
N ASN A 40 10.89 8.44 -13.74
CA ASN A 40 9.81 9.39 -13.58
C ASN A 40 9.46 9.70 -12.14
N LEU A 41 8.81 10.83 -11.93
CA LEU A 41 8.17 11.11 -10.66
C LEU A 41 6.65 10.86 -10.72
N TYR A 42 6.05 10.29 -9.68
CA TYR A 42 4.60 10.08 -9.64
C TYR A 42 4.01 10.64 -8.34
N VAL A 43 2.75 11.06 -8.37
CA VAL A 43 2.01 11.46 -7.17
C VAL A 43 0.58 10.94 -7.38
N THR A 44 -0.01 10.37 -6.35
CA THR A 44 -1.38 9.97 -6.48
C THR A 44 -2.15 10.12 -5.19
N ASP A 45 -3.44 10.36 -5.30
CA ASP A 45 -4.26 10.29 -4.10
C ASP A 45 -4.87 8.91 -4.07
N ALA A 46 -4.27 8.01 -4.84
CA ALA A 46 -4.68 6.61 -4.96
C ALA A 46 -5.90 6.39 -5.81
N ALA A 47 -6.45 7.48 -6.35
CA ALA A 47 -7.53 7.36 -7.30
C ALA A 47 -7.06 7.87 -8.64
N GLU A 48 -6.48 9.05 -8.65
CA GLU A 48 -5.93 9.52 -9.89
C GLU A 48 -4.43 9.52 -9.75
N LEU A 49 -3.76 9.42 -10.90
CA LEU A 49 -2.32 9.37 -10.96
C LEU A 49 -1.81 10.50 -11.78
N TRP A 50 -0.84 11.22 -11.22
CA TRP A 50 -0.09 12.22 -11.96
C TRP A 50 1.35 11.79 -12.10
N SER A 51 1.93 12.18 -13.23
CA SER A 51 3.29 11.81 -13.61
C SER A 51 4.04 12.97 -14.32
N THR A 52 5.38 12.99 -14.22
CA THR A 52 6.20 13.92 -15.02
C THR A 52 6.22 13.58 -16.48
N CYS A 53 5.90 12.32 -16.82
CA CYS A 53 5.92 11.86 -18.20
C CYS A 53 7.17 12.21 -19.07
N PHE A 54 8.35 11.80 -18.61
CA PHE A 54 9.62 12.13 -19.25
C PHE A 54 9.89 11.25 -20.46
N THR A 55 10.40 11.89 -21.51
CA THR A 55 11.06 11.20 -22.60
C THR A 55 12.53 11.29 -22.24
N PRO A 56 13.34 10.41 -22.80
CA PRO A 56 14.77 10.51 -22.48
C PRO A 56 15.38 11.85 -22.91
N ASP A 57 14.70 12.57 -23.80
CA ASP A 57 15.18 13.88 -24.21
C ASP A 57 14.84 14.96 -23.18
N SER A 58 13.57 14.97 -22.81
CA SER A 58 13.09 15.98 -21.91
C SER A 58 13.66 15.84 -20.48
N LEU A 59 14.12 14.65 -20.10
CA LEU A 59 14.76 14.45 -18.79
C LEU A 59 16.11 15.16 -18.77
N ALA A 60 16.84 14.98 -19.85
CA ALA A 60 18.15 15.58 -19.97
C ALA A 60 17.97 17.08 -20.02
N ALA A 61 16.92 17.52 -20.72
CA ALA A 61 16.61 18.94 -20.81
C ALA A 61 16.35 19.50 -19.42
N LEU A 62 15.65 18.72 -18.62
CA LEU A 62 15.38 19.12 -17.26
C LEU A 62 16.68 19.23 -16.42
N LYS A 63 17.52 18.20 -16.46
CA LYS A 63 18.79 18.21 -15.72
C LYS A 63 19.65 19.36 -16.17
N ALA A 64 19.60 19.63 -17.46
CA ALA A 64 20.38 20.70 -18.06
C ALA A 64 19.92 22.06 -17.59
N ARG A 65 18.60 22.25 -17.54
CA ARG A 65 18.05 23.53 -17.14
C ARG A 65 18.49 23.75 -15.73
N PHE A 66 18.50 22.66 -14.99
CA PHE A 66 18.82 22.69 -13.59
C PHE A 66 20.31 22.40 -13.26
N GLY A 67 21.09 21.92 -14.24
CA GLY A 67 22.46 21.49 -13.99
C GLY A 67 22.65 20.09 -13.39
N LEU A 68 23.48 19.22 -14.00
CA LEU A 68 23.72 17.88 -13.47
C LEU A 68 24.78 17.10 -14.26
N GLU A 72 24.96 13.83 -12.00
CA GLU A 72 23.88 13.89 -12.96
C GLU A 72 22.76 12.90 -12.62
N ASP A 73 22.34 12.85 -11.35
CA ASP A 73 21.26 11.96 -10.89
C ASP A 73 20.20 12.58 -9.98
N ILE A 74 18.95 12.48 -10.40
CA ILE A 74 17.86 13.08 -9.64
C ILE A 74 17.39 12.36 -8.40
N THR A 75 17.45 11.03 -8.45
CA THR A 75 16.97 10.17 -7.37
C THR A 75 17.48 10.53 -5.97
N PRO A 76 18.80 10.76 -5.80
CA PRO A 76 19.29 11.07 -4.46
C PRO A 76 18.74 12.38 -3.88
N ARG A 77 18.46 13.37 -4.73
CA ARG A 77 17.90 14.65 -4.29
C ARG A 77 16.47 14.40 -3.83
N PHE A 78 15.76 13.57 -4.57
CA PHE A 78 14.39 13.22 -4.21
C PHE A 78 14.30 12.40 -2.93
N ARG A 79 15.21 11.45 -2.78
CA ARG A 79 15.30 10.64 -1.56
C ARG A 79 15.50 11.59 -0.39
N ALA A 80 16.45 12.51 -0.56
CA ALA A 80 16.76 13.49 0.47
C ALA A 80 15.55 14.34 0.82
N ALA A 81 14.79 14.82 -0.16
CA ALA A 81 13.59 15.59 0.17
C ALA A 81 12.55 14.73 0.91
N CYS A 82 12.42 13.46 0.53
CA CYS A 82 11.46 12.55 1.20
C CYS A 82 11.80 12.31 2.67
N GLU A 83 13.09 12.17 2.97
CA GLU A 83 13.57 11.97 4.33
C GLU A 83 13.30 13.23 5.16
N GLN A 84 13.61 14.40 4.61
CA GLN A 84 13.38 15.68 5.29
C GLN A 84 11.90 16.09 5.39
N GLN A 85 11.04 15.33 4.74
CA GLN A 85 9.64 15.71 4.52
C GLN A 85 9.60 17.14 4.01
N ALA A 86 10.42 17.40 2.98
CA ALA A 86 10.55 18.70 2.31
C ALA A 86 10.05 18.66 0.86
N VAL A 87 8.88 18.06 0.68
CA VAL A 87 8.23 17.92 -0.62
C VAL A 87 6.96 18.73 -0.64
N ALA A 88 6.81 19.60 -1.61
CA ALA A 88 5.59 20.39 -1.68
C ALA A 88 4.74 20.07 -2.88
N LEU A 89 3.44 20.04 -2.68
CA LEU A 89 2.55 19.59 -3.72
C LEU A 89 1.45 20.56 -4.04
N THR A 90 1.35 20.90 -5.33
CA THR A 90 0.24 21.70 -5.84
C THR A 90 -0.55 20.94 -6.87
N LEU A 91 -1.85 20.93 -6.68
CA LEU A 91 -2.69 20.17 -7.55
C LEU A 91 -3.79 21.05 -8.09
N GLN A 92 -3.83 21.23 -9.40
CA GLN A 92 -5.05 21.77 -9.92
C GLN A 92 -5.34 20.95 -11.16
N GLU A 93 -6.55 20.37 -11.23
CA GLU A 93 -7.05 19.65 -12.42
C GLU A 93 -6.12 18.52 -12.88
N ASP A 94 -5.82 18.57 -14.18
CA ASP A 94 -5.03 17.58 -14.92
C ASP A 94 -3.55 17.97 -14.88
N ARG A 95 -3.20 18.92 -14.02
CA ARG A 95 -1.82 19.38 -13.95
C ARG A 95 -1.46 19.39 -12.46
N ALA A 96 -0.24 18.98 -12.17
CA ALA A 96 0.26 19.08 -10.83
C ALA A 96 1.64 19.68 -10.84
N SER A 97 2.10 20.13 -9.69
CA SER A 97 3.50 20.43 -9.57
C SER A 97 4.02 19.82 -8.29
N LEU A 98 5.24 19.30 -8.40
CA LEU A 98 5.91 18.70 -7.26
C LEU A 98 7.19 19.48 -7.01
N THR A 99 7.40 19.96 -5.80
CA THR A 99 8.60 20.72 -5.52
C THR A 99 9.59 20.06 -4.56
N LEU A 100 10.87 20.01 -4.97
CA LEU A 100 11.88 19.47 -4.06
C LEU A 100 12.82 20.51 -3.48
N SER A 101 12.81 20.56 -2.14
CA SER A 101 13.66 21.47 -1.40
C SER A 101 14.72 20.65 -0.69
N GLY A 102 15.94 21.15 -0.72
CA GLY A 102 17.03 20.45 -0.12
C GLY A 102 18.28 21.00 -0.76
N GLY A 103 18.40 20.77 -2.06
CA GLY A 103 19.63 21.10 -2.74
C GLY A 103 19.79 22.57 -3.00
N PRO A 104 20.83 22.91 -3.76
CA PRO A 104 21.27 24.28 -3.99
C PRO A 104 20.17 25.15 -4.59
N SER A 105 19.40 24.57 -5.50
CA SER A 105 18.23 25.20 -6.13
C SER A 105 17.01 24.34 -5.83
N ALA A 106 15.92 24.99 -5.43
CA ALA A 106 14.66 24.28 -5.37
C ALA A 106 14.37 23.72 -6.72
N LEU A 107 13.82 22.52 -6.69
CA LEU A 107 13.50 21.82 -7.90
C LEU A 107 12.01 21.72 -8.03
N ALA A 108 11.51 22.14 -9.17
CA ALA A 108 10.09 21.99 -9.47
C ALA A 108 9.85 21.09 -10.66
N PHE A 109 8.81 20.26 -10.57
CA PHE A 109 8.45 19.35 -11.65
C PHE A 109 6.99 19.57 -12.06
N ASP A 110 6.76 19.65 -13.38
CA ASP A 110 5.43 19.66 -13.95
C ASP A 110 4.93 18.27 -14.20
N LEU A 111 3.73 18.01 -13.71
CA LEU A 111 3.08 16.73 -13.89
C LEU A 111 1.74 16.86 -14.59
N SER A 112 1.40 15.84 -15.35
CA SER A 112 0.14 15.83 -16.06
C SER A 112 -0.59 14.60 -15.58
N LYS A 113 -1.90 14.63 -15.64
CA LYS A 113 -2.68 13.51 -15.19
C LYS A 113 -2.49 12.37 -16.16
N VAL A 114 -2.39 11.17 -15.63
CA VAL A 114 -2.21 9.98 -16.44
C VAL A 114 -3.57 9.37 -16.70
N PRO A 115 -3.87 9.06 -17.96
CA PRO A 115 -5.15 8.44 -18.31
C PRO A 115 -5.41 7.20 -17.50
N GLY A 116 -6.69 6.99 -17.19
CA GLY A 116 -7.05 5.86 -16.36
C GLY A 116 -6.53 4.51 -16.79
N PRO A 117 -6.65 4.15 -18.07
CA PRO A 117 -6.15 2.83 -18.46
C PRO A 117 -4.64 2.75 -18.28
N GLU A 118 -3.91 3.84 -18.50
CA GLU A 118 -2.49 3.80 -18.21
C GLU A 118 -2.16 3.80 -16.71
N ALA A 119 -2.85 4.64 -15.94
CA ALA A 119 -2.54 4.74 -14.51
C ALA A 119 -2.91 3.48 -13.77
N ALA A 120 -3.98 2.82 -14.19
CA ALA A 120 -4.57 1.72 -13.44
C ALA A 120 -3.63 0.55 -13.09
N PRO A 121 -2.92 -0.05 -14.06
CA PRO A 121 -2.00 -1.15 -13.74
C PRO A 121 -0.85 -0.65 -12.88
N ARG A 122 -0.47 0.61 -13.04
CA ARG A 122 0.56 1.19 -12.17
C ARG A 122 0.07 1.31 -10.74
N LEU A 123 -1.16 1.78 -10.53
CA LEU A 123 -1.74 1.87 -9.16
C LEU A 123 -1.88 0.48 -8.55
N ARG A 124 -2.26 -0.49 -9.36
CA ARG A 124 -2.37 -1.84 -8.89
C ARG A 124 -1.01 -2.29 -8.45
N ALA A 125 -0.05 -2.18 -9.34
CA ALA A 125 1.30 -2.61 -8.99
C ALA A 125 1.89 -1.84 -7.82
N LEU A 126 1.57 -0.56 -7.71
CA LEU A 126 2.06 0.24 -6.59
C LEU A 126 1.63 -0.30 -5.24
N THR A 127 0.31 -0.52 -5.09
CA THR A 127 -0.27 -1.06 -3.86
C THR A 127 0.27 -2.44 -3.48
N LEU A 128 0.32 -3.35 -4.44
CA LEU A 128 0.78 -4.70 -4.18
C LEU A 128 2.28 -4.59 -3.81
N GLY A 129 3.02 -3.69 -4.45
CA GLY A 129 4.43 -3.52 -4.13
C GLY A 129 4.69 -2.94 -2.75
N LEU A 130 3.91 -1.95 -2.34
CA LEU A 130 4.01 -1.43 -0.98
C LEU A 130 3.80 -2.51 0.07
N ALA A 131 2.75 -3.30 -0.12
CA ALA A 131 2.40 -4.32 0.83
C ALA A 131 3.57 -5.29 0.99
N LYS A 132 4.21 -5.69 -0.11
CA LYS A 132 5.30 -6.64 -0.05
C LYS A 132 6.45 -5.93 0.65
N ARG A 133 6.56 -4.62 0.48
CA ARG A 133 7.59 -3.90 1.22
C ARG A 133 7.27 -3.87 2.74
N VAL A 134 6.04 -3.55 3.13
CA VAL A 134 5.60 -3.63 4.54
C VAL A 134 5.87 -4.98 5.23
N TRP A 135 5.40 -6.05 4.61
CA TRP A 135 5.59 -7.39 5.12
C TRP A 135 7.06 -7.62 5.32
N SER A 136 7.82 -7.16 4.33
CA SER A 136 9.25 -7.38 4.34
C SER A 136 9.94 -6.46 5.33
N LEU A 137 9.51 -5.22 5.39
CA LEU A 137 10.11 -4.28 6.33
C LEU A 137 9.82 -4.69 7.76
N GLU A 138 8.62 -5.21 8.00
CA GLU A 138 8.25 -5.62 9.36
C GLU A 138 9.01 -6.86 9.77
N ARG A 139 9.32 -7.71 8.81
CA ARG A 139 10.25 -8.80 9.03
C ARG A 139 11.59 -8.27 9.52
N ARG A 140 12.23 -7.44 8.71
CA ARG A 140 13.57 -6.91 8.99
C ARG A 140 13.70 -6.19 10.32
N LEU A 141 12.68 -5.43 10.65
CA LEU A 141 12.64 -4.63 11.86
C LEU A 141 12.62 -5.52 13.09
N ALA A 142 11.97 -6.67 12.96
CA ALA A 142 11.91 -7.64 14.03
C ALA A 142 13.32 -8.14 14.39
N ALA A 143 14.12 -8.39 13.36
CA ALA A 143 15.51 -8.81 13.54
C ALA A 143 16.38 -7.85 14.37
N SER B 7 1.37 -2.45 15.01
CA SER B 7 1.00 -2.17 13.62
C SER B 7 0.19 -3.35 13.01
N PRO B 8 -0.79 -3.03 12.12
CA PRO B 8 -1.80 -3.96 11.55
C PRO B 8 -1.21 -5.10 10.69
N PRO B 9 -1.66 -6.35 10.92
CA PRO B 9 -1.03 -7.49 10.26
C PRO B 9 -1.47 -7.60 8.80
N LEU B 10 -0.55 -8.00 7.94
CA LEU B 10 -0.86 -8.30 6.55
C LEU B 10 0.16 -9.26 6.00
N CYS B 11 -0.11 -9.77 4.80
CA CYS B 11 0.93 -10.50 4.08
C CYS B 11 0.58 -10.39 2.61
N THR B 12 1.55 -10.76 1.77
CA THR B 12 1.27 -10.76 0.35
C THR B 12 1.44 -12.14 -0.17
N LEU B 13 0.74 -12.39 -1.26
CA LEU B 13 0.82 -13.64 -1.93
C LEU B 13 1.09 -13.33 -3.39
N PRO B 14 1.82 -14.22 -4.08
CA PRO B 14 2.40 -15.41 -3.48
C PRO B 14 3.60 -15.05 -2.61
N PRO B 15 3.83 -15.87 -1.57
CA PRO B 15 5.00 -15.72 -0.70
C PRO B 15 6.22 -16.07 -1.52
N GLY B 16 7.35 -15.50 -1.19
CA GLY B 16 8.54 -15.80 -1.95
C GLY B 16 8.88 -14.59 -2.76
N PRO B 17 9.74 -14.79 -3.75
CA PRO B 17 10.35 -13.72 -4.55
C PRO B 17 9.46 -13.18 -5.65
N GLU B 18 8.45 -13.95 -6.07
CA GLU B 18 7.59 -13.53 -7.16
C GLU B 18 6.78 -12.29 -6.82
N PRO B 19 6.41 -11.52 -7.86
CA PRO B 19 5.61 -10.33 -7.65
C PRO B 19 4.31 -10.63 -6.96
N PRO B 20 3.96 -9.82 -5.97
CA PRO B 20 2.72 -10.08 -5.26
C PRO B 20 1.48 -9.89 -6.16
N ARG B 21 0.50 -10.77 -6.05
CA ARG B 21 -0.76 -10.65 -6.80
C ARG B 21 -1.90 -10.28 -5.84
N PHE B 22 -1.73 -10.60 -4.57
CA PHE B 22 -2.77 -10.34 -3.58
C PHE B 22 -2.23 -9.80 -2.25
N VAL B 23 -3.03 -8.94 -1.63
CA VAL B 23 -2.79 -8.54 -0.26
C VAL B 23 -3.87 -9.11 0.67
N CYS B 24 -3.43 -9.66 1.81
CA CYS B 24 -4.40 -10.04 2.84
C CYS B 24 -4.18 -9.20 4.05
N TYR B 25 -5.26 -8.71 4.60
CA TYR B 25 -5.14 -7.93 5.80
C TYR B 25 -6.47 -8.08 6.51
N CYS B 26 -6.58 -7.47 7.69
CA CYS B 26 -7.78 -7.50 8.52
C CYS B 26 -8.08 -6.15 9.23
N GLU B 27 -9.22 -6.04 9.93
CA GLU B 27 -9.61 -4.80 10.64
C GLU B 27 -10.44 -5.08 11.88
N GLY B 28 -10.49 -4.14 12.81
CA GLY B 28 -11.41 -4.28 13.94
C GLY B 28 -10.71 -4.81 15.19
N GLU B 29 -11.50 -5.12 16.22
CA GLU B 29 -11.02 -5.63 17.52
C GLU B 29 -10.08 -4.68 18.24
N GLU B 30 -10.29 -3.40 18.02
CA GLU B 30 -9.57 -2.35 18.73
C GLU B 30 -9.82 -2.44 20.24
N ASP B 35 -13.66 3.19 20.25
CA ASP B 35 -14.54 2.57 19.27
C ASP B 35 -13.96 1.26 18.77
N ARG B 36 -14.63 0.17 19.10
CA ARG B 36 -14.20 -1.15 18.63
C ARG B 36 -15.22 -1.61 17.58
N GLY B 37 -14.69 -2.01 16.42
CA GLY B 37 -15.54 -2.47 15.34
C GLY B 37 -15.50 -3.96 15.14
N GLY B 38 -16.52 -4.50 14.49
CA GLY B 38 -16.54 -5.92 14.27
C GLY B 38 -15.42 -6.30 13.33
N PHE B 39 -14.94 -7.52 13.53
CA PHE B 39 -13.85 -8.10 12.79
C PHE B 39 -14.20 -8.43 11.34
N ASN B 40 -13.30 -8.11 10.41
CA ASN B 40 -13.40 -8.56 9.04
C ASN B 40 -12.03 -8.80 8.48
N LEU B 41 -11.94 -9.82 7.63
CA LEU B 41 -10.72 -10.07 6.87
C LEU B 41 -10.92 -9.58 5.43
N TYR B 42 -9.86 -9.04 4.88
CA TYR B 42 -10.04 -8.54 3.57
C TYR B 42 -8.88 -9.12 2.75
N VAL B 43 -9.16 -9.44 1.49
CA VAL B 43 -8.15 -9.88 0.53
C VAL B 43 -8.45 -9.09 -0.71
N THR B 44 -7.40 -8.62 -1.37
CA THR B 44 -7.54 -7.86 -2.60
C THR B 44 -6.43 -8.12 -3.64
N ASP B 45 -6.73 -8.01 -4.93
CA ASP B 45 -5.66 -8.06 -5.96
C ASP B 45 -5.39 -6.62 -6.42
N ALA B 46 -5.87 -5.68 -5.60
CA ALA B 46 -5.77 -4.24 -5.82
C ALA B 46 -6.65 -3.76 -7.01
N ALA B 47 -7.41 -4.69 -7.56
CA ALA B 47 -8.47 -4.39 -8.54
C ALA B 47 -9.86 -4.62 -7.94
N GLU B 48 -10.03 -5.76 -7.28
CA GLU B 48 -11.29 -6.05 -6.61
C GLU B 48 -11.13 -6.27 -5.08
N LEU B 49 -12.21 -6.16 -4.31
CA LEU B 49 -12.08 -6.36 -2.88
C LEU B 49 -13.03 -7.41 -2.36
N TRP B 50 -12.49 -8.27 -1.51
CA TRP B 50 -13.29 -9.29 -0.90
C TRP B 50 -13.20 -9.12 0.61
N SER B 51 -14.25 -9.55 1.30
CA SER B 51 -14.35 -9.40 2.73
C SER B 51 -15.07 -10.60 3.22
N THR B 52 -14.85 -10.88 4.50
CA THR B 52 -15.48 -11.92 5.27
C THR B 52 -16.93 -11.57 5.52
N CYS B 53 -17.20 -10.28 5.42
CA CYS B 53 -18.50 -9.67 5.67
C CYS B 53 -19.15 -10.26 6.90
N PHE B 54 -18.42 -10.26 8.01
CA PHE B 54 -18.98 -10.88 9.19
C PHE B 54 -20.20 -10.18 9.77
N THR B 55 -21.16 -10.96 10.25
CA THR B 55 -22.17 -10.48 11.17
C THR B 55 -21.84 -11.06 12.55
N PRO B 56 -22.42 -10.47 13.60
CA PRO B 56 -22.24 -11.08 14.90
C PRO B 56 -22.59 -12.56 14.92
N ASP B 57 -23.70 -12.94 14.27
CA ASP B 57 -24.06 -14.35 14.19
C ASP B 57 -23.08 -15.19 13.42
N SER B 58 -22.62 -14.68 12.29
CA SER B 58 -21.76 -15.48 11.43
C SER B 58 -20.36 -15.63 12.02
N LEU B 59 -19.94 -14.62 12.78
CA LEU B 59 -18.66 -14.69 13.47
C LEU B 59 -18.71 -15.69 14.63
N ALA B 60 -19.82 -15.67 15.36
CA ALA B 60 -20.02 -16.66 16.39
C ALA B 60 -20.07 -18.06 15.77
N ALA B 61 -20.71 -18.18 14.62
CA ALA B 61 -20.87 -19.50 14.02
C ALA B 61 -19.59 -20.03 13.42
N LEU B 62 -18.76 -19.12 12.92
CA LEU B 62 -17.45 -19.49 12.45
C LEU B 62 -16.55 -19.88 13.61
N LYS B 63 -16.64 -19.14 14.72
CA LYS B 63 -15.76 -19.40 15.87
C LYS B 63 -16.20 -20.65 16.60
N ALA B 64 -17.38 -21.15 16.23
CA ALA B 64 -17.88 -22.38 16.79
C ALA B 64 -17.48 -23.52 15.87
N ARG B 65 -17.64 -23.28 14.58
CA ARG B 65 -17.24 -24.22 13.55
C ARG B 65 -15.82 -24.75 13.71
N PHE B 66 -14.98 -23.94 14.36
CA PHE B 66 -13.58 -24.28 14.64
C PHE B 66 -13.24 -24.21 16.13
N GLY B 67 -14.28 -24.22 16.97
CA GLY B 67 -14.10 -24.25 18.41
C GLY B 67 -13.30 -23.11 19.02
N LEU B 68 -13.80 -21.89 18.79
CA LEU B 68 -13.20 -20.71 19.38
C LEU B 68 -14.28 -20.07 20.24
N SER B 69 -13.88 -19.18 21.14
CA SER B 69 -14.83 -18.50 22.02
C SER B 69 -15.16 -17.08 21.59
N ALA B 70 -16.24 -16.55 22.13
CA ALA B 70 -16.80 -15.27 21.72
C ALA B 70 -15.87 -14.08 21.99
N ALA B 71 -15.18 -14.13 23.13
CA ALA B 71 -14.27 -13.05 23.54
C ALA B 71 -12.91 -13.22 22.92
N GLU B 72 -12.75 -14.27 22.12
CA GLU B 72 -11.49 -14.57 21.44
C GLU B 72 -11.21 -13.66 20.24
N ASP B 73 -10.06 -12.99 20.26
CA ASP B 73 -9.65 -12.19 19.12
C ASP B 73 -9.12 -13.16 18.06
N ILE B 74 -9.44 -12.92 16.79
CA ILE B 74 -8.97 -13.78 15.68
C ILE B 74 -7.68 -13.23 15.09
N THR B 75 -7.53 -11.92 15.21
CA THR B 75 -6.35 -11.18 14.78
C THR B 75 -4.98 -11.80 15.13
N PRO B 76 -4.82 -12.29 16.33
CA PRO B 76 -3.49 -12.88 16.54
C PRO B 76 -3.13 -14.09 15.69
N ARG B 77 -4.10 -14.94 15.37
CA ARG B 77 -3.87 -16.14 14.54
C ARG B 77 -3.58 -15.76 13.08
N PHE B 78 -4.26 -14.71 12.62
CA PHE B 78 -4.07 -14.19 11.28
C PHE B 78 -2.68 -13.60 11.18
N ARG B 79 -2.28 -12.94 12.26
CA ARG B 79 -0.97 -12.31 12.34
C ARG B 79 0.07 -13.41 12.27
N ALA B 80 -0.21 -14.51 12.97
CA ALA B 80 0.69 -15.67 12.95
C ALA B 80 0.78 -16.35 11.58
N ALA B 81 -0.33 -16.40 10.84
CA ALA B 81 -0.34 -16.95 9.47
C ALA B 81 0.48 -16.05 8.52
N CYS B 82 0.32 -14.75 8.72
CA CYS B 82 1.03 -13.74 7.96
C CYS B 82 2.52 -13.80 8.17
N GLU B 83 2.90 -14.00 9.42
CA GLU B 83 4.30 -14.05 9.74
C GLU B 83 4.96 -15.22 9.02
N GLN B 84 4.31 -16.39 9.08
CA GLN B 84 4.88 -17.60 8.48
C GLN B 84 4.55 -17.80 7.01
N GLN B 85 3.81 -16.85 6.46
CA GLN B 85 3.28 -16.97 5.10
C GLN B 85 2.67 -18.38 4.92
N ALA B 86 1.71 -18.68 5.79
CA ALA B 86 0.97 -19.95 5.77
C ALA B 86 -0.50 -19.60 5.53
N VAL B 87 -0.74 -18.83 4.48
CA VAL B 87 -2.07 -18.37 4.07
C VAL B 87 -2.43 -18.97 2.72
N ALA B 88 -3.54 -19.70 2.63
CA ALA B 88 -3.97 -20.29 1.34
C ALA B 88 -5.19 -19.62 0.73
N LEU B 89 -5.09 -19.35 -0.57
CA LEU B 89 -6.15 -18.62 -1.21
C LEU B 89 -6.82 -19.33 -2.37
N THR B 90 -8.14 -19.34 -2.33
CA THR B 90 -8.91 -19.79 -3.47
C THR B 90 -9.86 -18.73 -3.98
N LEU B 91 -10.03 -18.63 -5.31
CA LEU B 91 -10.96 -17.69 -6.00
C LEU B 91 -11.87 -18.43 -7.01
N GLN B 92 -13.17 -18.25 -6.85
CA GLN B 92 -14.14 -18.63 -7.84
C GLN B 92 -14.55 -17.34 -8.49
N GLU B 93 -13.81 -16.28 -8.19
CA GLU B 93 -14.12 -14.97 -8.75
C GLU B 93 -15.36 -14.46 -8.08
N ASP B 94 -16.42 -15.26 -8.18
CA ASP B 94 -17.67 -15.00 -7.51
C ASP B 94 -17.50 -15.01 -5.99
N ARG B 95 -16.69 -15.95 -5.51
CA ARG B 95 -16.51 -16.16 -4.08
C ARG B 95 -15.06 -16.46 -3.76
N ALA B 96 -14.66 -16.36 -2.50
CA ALA B 96 -13.30 -16.69 -2.16
C ALA B 96 -13.18 -17.54 -0.90
N SER B 97 -12.08 -18.26 -0.79
CA SER B 97 -11.75 -18.90 0.49
C SER B 97 -10.39 -18.45 0.95
N LEU B 98 -10.27 -18.22 2.26
CA LEU B 98 -8.95 -17.98 2.87
C LEU B 98 -8.65 -18.99 3.96
N THR B 99 -7.48 -19.61 3.91
CA THR B 99 -7.08 -20.52 4.96
C THR B 99 -5.87 -20.09 5.75
N LEU B 100 -6.00 -20.07 7.07
CA LEU B 100 -4.89 -19.73 7.94
C LEU B 100 -4.30 -20.99 8.58
N SER B 101 -2.99 -21.14 8.46
CA SER B 101 -2.29 -22.30 8.98
C SER B 101 -1.11 -21.84 9.80
N GLY B 102 -1.16 -20.61 10.31
CA GLY B 102 -0.08 -20.14 11.15
C GLY B 102 -0.02 -20.97 12.43
N GLY B 103 -1.17 -21.50 12.81
CA GLY B 103 -1.25 -22.17 14.08
C GLY B 103 -1.52 -23.65 14.00
N PRO B 104 -1.92 -24.22 15.15
CA PRO B 104 -2.17 -25.62 15.41
C PRO B 104 -3.39 -26.09 14.63
N SER B 105 -4.41 -25.24 14.57
CA SER B 105 -5.65 -25.61 13.88
C SER B 105 -5.87 -24.64 12.75
N ALA B 106 -6.35 -25.16 11.63
CA ALA B 106 -6.60 -24.36 10.43
C ALA B 106 -7.96 -23.68 10.43
N LEU B 107 -8.00 -22.41 10.08
CA LEU B 107 -9.27 -21.73 9.97
C LEU B 107 -9.62 -21.36 8.51
N ALA B 108 -10.81 -21.73 8.01
CA ALA B 108 -11.24 -21.38 6.63
C ALA B 108 -12.35 -20.33 6.62
N PHE B 109 -12.21 -19.33 5.75
CA PHE B 109 -13.13 -18.20 5.68
C PHE B 109 -13.82 -18.03 4.31
N ASP B 110 -15.13 -17.80 4.31
CA ASP B 110 -15.84 -17.46 3.08
C ASP B 110 -15.86 -15.98 2.87
N LEU B 111 -15.41 -15.56 1.70
CA LEU B 111 -15.43 -14.15 1.36
C LEU B 111 -16.32 -13.94 0.15
N SER B 112 -16.93 -12.75 0.11
CA SER B 112 -17.72 -12.33 -1.03
C SER B 112 -17.22 -10.94 -1.46
N LYS B 113 -17.58 -10.56 -2.68
CA LYS B 113 -17.18 -9.30 -3.27
C LYS B 113 -17.74 -8.12 -2.50
N VAL B 114 -16.87 -7.17 -2.18
CA VAL B 114 -17.35 -5.92 -1.59
C VAL B 114 -17.78 -4.97 -2.67
N PRO B 115 -19.01 -4.46 -2.57
CA PRO B 115 -19.54 -3.48 -3.53
C PRO B 115 -18.65 -2.27 -3.76
N GLY B 116 -18.59 -1.88 -5.04
CA GLY B 116 -17.87 -0.72 -5.51
C GLY B 116 -17.93 0.54 -4.71
N PRO B 117 -19.13 1.02 -4.39
CA PRO B 117 -19.13 2.33 -3.73
C PRO B 117 -18.56 2.25 -2.33
N GLU B 118 -18.52 1.05 -1.77
CA GLU B 118 -17.83 0.83 -0.51
C GLU B 118 -16.39 0.36 -0.73
N ALA B 119 -16.14 -0.42 -1.78
CA ALA B 119 -14.79 -0.98 -2.02
C ALA B 119 -13.79 0.08 -2.44
N ALA B 120 -14.22 0.97 -3.30
CA ALA B 120 -13.31 1.95 -3.83
C ALA B 120 -12.65 2.82 -2.74
N PRO B 121 -13.47 3.48 -1.87
CA PRO B 121 -12.79 4.27 -0.84
C PRO B 121 -11.93 3.47 0.13
N ARG B 122 -12.23 2.19 0.33
CA ARG B 122 -11.35 1.40 1.17
C ARG B 122 -9.98 1.16 0.54
N LEU B 123 -9.92 0.92 -0.76
CA LEU B 123 -8.62 0.71 -1.42
C LEU B 123 -7.70 1.92 -1.46
N ARG B 124 -8.30 3.07 -1.69
CA ARG B 124 -7.53 4.28 -1.73
C ARG B 124 -6.86 4.44 -0.38
N ALA B 125 -7.64 4.27 0.69
CA ALA B 125 -7.14 4.44 2.04
C ALA B 125 -6.03 3.40 2.33
N LEU B 126 -6.19 2.18 1.82
CA LEU B 126 -5.17 1.12 1.93
C LEU B 126 -3.83 1.49 1.30
N THR B 127 -3.87 1.98 0.05
CA THR B 127 -2.66 2.35 -0.65
C THR B 127 -1.91 3.44 0.10
N LEU B 128 -2.64 4.48 0.48
CA LEU B 128 -2.09 5.62 1.20
C LEU B 128 -1.57 5.17 2.58
N GLY B 129 -2.36 4.32 3.24
CA GLY B 129 -1.99 3.84 4.54
C GLY B 129 -0.74 3.01 4.50
N LEU B 130 -0.54 2.23 3.45
CA LEU B 130 0.66 1.41 3.34
C LEU B 130 1.88 2.28 3.17
N ALA B 131 1.71 3.34 2.39
CA ALA B 131 2.80 4.23 2.12
C ALA B 131 3.24 4.95 3.38
N LYS B 132 2.29 5.43 4.17
CA LYS B 132 2.60 5.97 5.51
C LYS B 132 3.34 4.96 6.33
N ARG B 133 2.85 3.73 6.30
CA ARG B 133 3.45 2.67 7.04
C ARG B 133 4.86 2.40 6.56
N VAL B 134 5.03 2.31 5.26
CA VAL B 134 6.36 2.19 4.67
C VAL B 134 7.35 3.29 5.06
N TRP B 135 6.90 4.53 4.90
CA TRP B 135 7.72 5.69 5.22
C TRP B 135 8.12 5.66 6.68
N SER B 136 7.14 5.38 7.55
CA SER B 136 7.36 5.30 9.00
C SER B 136 8.24 4.12 9.39
N LEU B 137 7.96 2.96 8.80
CA LEU B 137 8.76 1.78 9.07
C LEU B 137 10.19 2.01 8.62
N GLU B 138 10.37 2.53 7.40
CA GLU B 138 11.71 2.77 6.87
C GLU B 138 12.43 3.86 7.65
N ARG B 139 11.66 4.73 8.29
CA ARG B 139 12.20 5.73 9.20
C ARG B 139 12.66 5.05 10.48
N ARG B 140 11.78 4.20 11.01
CA ARG B 140 12.02 3.45 12.23
C ARG B 140 13.16 2.43 12.09
N LEU B 141 13.48 2.06 10.87
CA LEU B 141 14.52 1.06 10.64
C LEU B 141 15.95 1.61 10.61
N ALA B 142 16.12 2.79 10.05
CA ALA B 142 17.44 3.40 9.94
C ALA B 142 18.17 3.52 11.30
N ALA B 143 17.38 3.67 12.38
CA ALA B 143 17.92 3.71 13.73
C ALA B 143 18.79 2.51 14.11
N ALA B 144 18.25 1.30 14.01
CA ALA B 144 19.04 0.11 14.34
C ALA B 144 19.96 -0.25 13.17
#